data_5MB4
#
_entry.id   5MB4
#
_cell.length_a   120.550
_cell.length_b   120.550
_cell.length_c   198.950
_cell.angle_alpha   90.00
_cell.angle_beta   90.00
_cell.angle_gamma   120.00
#
_symmetry.space_group_name_H-M   'H 3 2'
#
loop_
_entity.id
_entity.type
_entity.pdbx_description
1 polymer 'GlcNAc specific lectin'
2 non-polymer 'SODIUM ION'
3 non-polymer 'MALONATE ION'
4 non-polymer 2-acetamido-2-deoxy-beta-D-glucopyranose
5 non-polymer 2-acetamido-2-deoxy-alpha-D-glucopyranose
6 water water
#
_entity_poly.entity_id   1
_entity_poly.type   'polypeptide(L)'
_entity_poly.pdbx_seq_one_letter_code
;VTKVISQASPVPTSIPGVADLVGFGTGGVYIIRNSLLVQVVKVINNFGYDAGGWRTEKHVRLLADTTGDNQSDVVGFGED
GVWISTNNGDNTFTDPPSHVLANFSYLAGGWRVEKHIRFMADMRKTGRADIVGFGEAGILISRNNGSSQFAPTQLALNDF
AYAQGWRLDRHLRFLGDITGNGLLDVVGFGENHVFVAKNNGNGTFQPAQAVVNNFCVGAGGWTIASHPRVIADLTGDSRA
DILGFGGAGVYTSLNNGNGTFGAVNLVLMDFGVASGWRTAKHVRCVAPLTSKKVGDIIGFGDAGVYVALNNGDGTFGPVK
RVINNFGYNQGWRVDKHPRFVVDLTGDGAADIVGFGENSTWACMNKGDGTFGPDMKLISDDTSSKGWTLEKTVRYAANLY
A
;
_entity_poly.pdbx_strand_id   A
#
loop_
_chem_comp.id
_chem_comp.type
_chem_comp.name
_chem_comp.formula
MLI non-polymer 'MALONATE ION' 'C3 H2 O4 -2'
NA non-polymer 'SODIUM ION' 'Na 1'
NAG D-saccharide, beta linking 2-acetamido-2-deoxy-beta-D-glucopyranose 'C8 H15 N O6'
NDG D-saccharide, alpha linking 2-acetamido-2-deoxy-alpha-D-glucopyranose 'C8 H15 N O6'
#
# COMPACT_ATOMS: atom_id res chain seq x y z
N VAL A 1 0.98 5.55 13.00
CA VAL A 1 1.94 5.76 11.86
C VAL A 1 1.13 6.57 10.80
N THR A 2 1.87 7.20 9.89
CA THR A 2 1.30 8.17 8.96
C THR A 2 0.85 7.51 7.65
N LYS A 3 0.08 8.24 6.83
CA LYS A 3 -0.47 7.68 5.57
C LYS A 3 0.64 7.58 4.52
N VAL A 4 0.99 6.38 4.12
CA VAL A 4 1.97 6.19 3.07
C VAL A 4 1.26 5.40 2.00
N ILE A 5 1.44 5.81 0.76
CA ILE A 5 0.86 5.08 -0.39
C ILE A 5 2.00 4.55 -1.25
N SER A 6 2.00 3.25 -1.53
CA SER A 6 3.09 2.64 -2.23
C SER A 6 2.56 1.74 -3.34
N GLN A 7 3.45 1.39 -4.24
CA GLN A 7 3.10 0.49 -5.33
C GLN A 7 2.62 -0.85 -4.75
N ALA A 8 3.35 -1.34 -3.73
CA ALA A 8 2.98 -2.59 -3.07
C ALA A 8 1.69 -2.51 -2.24
N SER A 9 1.38 -1.35 -1.68
N SER A 9 1.39 -1.35 -1.67
CA SER A 9 0.21 -1.18 -0.82
CA SER A 9 0.21 -1.19 -0.82
C SER A 9 -0.43 0.14 -1.17
C SER A 9 -0.45 0.13 -1.15
N PRO A 10 -1.20 0.16 -2.26
CA PRO A 10 -1.79 1.42 -2.71
C PRO A 10 -3.03 1.80 -1.91
N VAL A 11 -3.56 0.88 -1.09
CA VAL A 11 -4.68 1.16 -0.20
C VAL A 11 -4.18 1.15 1.26
N PRO A 12 -3.69 2.29 1.76
CA PRO A 12 -3.29 2.36 3.16
C PRO A 12 -4.40 2.09 4.18
N THR A 13 -4.06 1.47 5.28
CA THR A 13 -5.01 1.29 6.36
C THR A 13 -4.60 2.20 7.50
N SER A 14 -5.55 2.51 8.38
CA SER A 14 -5.38 3.45 9.48
C SER A 14 -4.77 2.80 10.73
N ILE A 15 -3.99 3.60 11.46
CA ILE A 15 -3.49 3.25 12.77
C ILE A 15 -3.91 4.42 13.66
N PRO A 16 -4.77 4.20 14.65
CA PRO A 16 -5.47 2.97 14.91
C PRO A 16 -6.65 2.75 13.93
N GLY A 17 -7.19 1.54 13.87
CA GLY A 17 -8.33 1.25 13.01
C GLY A 17 -8.85 -0.18 13.12
N VAL A 18 -10.02 -0.38 12.53
CA VAL A 18 -10.61 -1.69 12.44
C VAL A 18 -10.84 -1.96 10.95
N ALA A 19 -9.81 -2.46 10.28
CA ALA A 19 -9.85 -2.61 8.83
C ALA A 19 -10.81 -3.68 8.43
N ASP A 20 -11.57 -3.40 7.38
CA ASP A 20 -12.42 -4.38 6.71
C ASP A 20 -11.64 -5.17 5.64
N LEU A 21 -12.28 -6.17 5.05
CA LEU A 21 -11.62 -6.92 3.93
C LEU A 21 -12.43 -6.76 2.67
N VAL A 22 -11.77 -6.50 1.55
CA VAL A 22 -12.50 -6.26 0.25
C VAL A 22 -11.95 -7.25 -0.81
N GLY A 23 -12.84 -7.80 -1.61
CA GLY A 23 -12.44 -8.68 -2.71
C GLY A 23 -13.09 -8.26 -4.04
N PHE A 24 -12.23 -8.02 -5.04
CA PHE A 24 -12.67 -7.80 -6.39
C PHE A 24 -12.66 -9.19 -7.01
N GLY A 25 -13.79 -9.88 -6.86
CA GLY A 25 -13.94 -11.25 -7.35
C GLY A 25 -14.30 -11.28 -8.84
N THR A 26 -14.35 -12.49 -9.39
CA THR A 26 -14.75 -12.67 -10.79
C THR A 26 -16.18 -12.20 -11.00
N GLY A 27 -17.03 -12.39 -10.01
CA GLY A 27 -18.43 -11.93 -10.14
C GLY A 27 -18.75 -10.53 -9.65
N GLY A 28 -17.74 -9.83 -9.13
CA GLY A 28 -17.99 -8.50 -8.58
C GLY A 28 -17.26 -8.23 -7.30
N VAL A 29 -17.74 -7.22 -6.59
CA VAL A 29 -17.11 -6.73 -5.35
C VAL A 29 -17.82 -7.27 -4.12
N TYR A 30 -17.02 -7.79 -3.20
CA TYR A 30 -17.50 -8.43 -1.95
C TYR A 30 -16.76 -7.81 -0.83
N ILE A 31 -17.45 -7.63 0.29
CA ILE A 31 -16.79 -7.11 1.49
C ILE A 31 -16.99 -8.02 2.69
N ILE A 32 -16.03 -8.03 3.61
CA ILE A 32 -16.24 -8.59 4.95
C ILE A 32 -16.07 -7.40 5.92
N ARG A 33 -17.19 -6.86 6.41
CA ARG A 33 -17.17 -5.79 7.37
C ARG A 33 -16.51 -6.32 8.67
N ASN A 34 -15.54 -5.59 9.17
CA ASN A 34 -14.89 -5.90 10.44
C ASN A 34 -15.92 -5.72 11.56
N SER A 35 -16.34 -6.83 12.13
CA SER A 35 -17.37 -6.83 13.13
C SER A 35 -17.45 -8.15 13.85
N LEU A 36 -18.17 -8.11 14.97
CA LEU A 36 -18.41 -9.24 15.85
C LEU A 36 -19.16 -10.33 15.14
N LEU A 37 -20.03 -9.99 14.21
CA LEU A 37 -20.82 -10.93 13.46
C LEU A 37 -20.28 -10.90 12.02
N VAL A 38 -19.49 -11.92 11.67
CA VAL A 38 -18.65 -11.96 10.50
C VAL A 38 -19.40 -12.55 9.32
N GLN A 39 -19.41 -11.88 8.17
CA GLN A 39 -19.94 -12.47 6.96
C GLN A 39 -19.41 -11.80 5.70
N VAL A 40 -19.67 -12.46 4.56
CA VAL A 40 -19.35 -11.94 3.23
C VAL A 40 -20.61 -11.38 2.59
N VAL A 41 -20.53 -10.16 2.06
CA VAL A 41 -21.65 -9.49 1.42
C VAL A 41 -21.17 -9.05 0.01
N LYS A 42 -21.90 -9.43 -1.03
CA LYS A 42 -21.68 -8.92 -2.37
C LYS A 42 -22.31 -7.55 -2.48
N VAL A 43 -21.56 -6.56 -2.95
CA VAL A 43 -22.07 -5.18 -2.94
C VAL A 43 -22.16 -4.51 -4.29
N ILE A 44 -21.35 -4.93 -5.25
CA ILE A 44 -21.40 -4.40 -6.64
C ILE A 44 -21.20 -5.51 -7.69
N ASN A 45 -22.12 -5.56 -8.66
CA ASN A 45 -22.04 -6.48 -9.77
C ASN A 45 -21.22 -5.84 -10.90
N ASN A 46 -19.98 -5.46 -10.58
CA ASN A 46 -19.04 -4.76 -11.47
C ASN A 46 -17.64 -4.82 -10.89
N PHE A 47 -16.67 -4.25 -11.57
CA PHE A 47 -15.26 -4.30 -11.14
C PHE A 47 -14.66 -5.71 -11.04
N GLY A 48 -15.26 -6.66 -11.78
CA GLY A 48 -14.86 -8.03 -11.77
C GLY A 48 -14.41 -8.61 -13.11
N TYR A 49 -13.55 -9.60 -13.06
CA TYR A 49 -13.14 -10.37 -14.24
C TYR A 49 -14.32 -10.74 -15.15
N ASP A 50 -15.40 -11.26 -14.56
CA ASP A 50 -16.61 -11.64 -15.32
C ASP A 50 -17.73 -10.66 -15.16
N ALA A 51 -17.47 -9.49 -14.59
CA ALA A 51 -18.50 -8.53 -14.28
C ALA A 51 -17.90 -7.18 -14.66
N GLY A 52 -17.88 -7.00 -15.98
CA GLY A 52 -17.42 -5.80 -16.62
C GLY A 52 -16.11 -5.97 -17.30
N GLY A 53 -15.56 -7.16 -17.32
CA GLY A 53 -14.30 -7.42 -18.06
C GLY A 53 -13.01 -6.84 -17.44
N TRP A 54 -12.98 -6.76 -16.11
CA TRP A 54 -11.84 -6.14 -15.42
C TRP A 54 -10.67 -7.11 -15.43
N ARG A 55 -9.46 -6.62 -15.70
CA ARG A 55 -8.27 -7.44 -15.81
C ARG A 55 -7.11 -6.83 -15.04
N THR A 56 -6.41 -7.69 -14.33
CA THR A 56 -5.27 -7.25 -13.55
C THR A 56 -4.21 -6.64 -14.44
N GLU A 57 -4.07 -7.20 -15.61
CA GLU A 57 -3.05 -6.73 -16.57
C GLU A 57 -3.40 -5.38 -17.22
N LYS A 58 -4.67 -4.97 -17.22
CA LYS A 58 -5.02 -3.72 -17.88
C LYS A 58 -5.67 -2.64 -17.02
N HIS A 59 -6.19 -2.99 -15.85
CA HIS A 59 -6.95 -2.11 -15.02
C HIS A 59 -6.44 -2.10 -13.58
N VAL A 60 -6.87 -1.08 -12.82
CA VAL A 60 -6.47 -0.85 -11.43
C VAL A 60 -7.75 -0.62 -10.66
N ARG A 61 -7.87 -1.34 -9.55
CA ARG A 61 -9.01 -1.26 -8.65
C ARG A 61 -8.52 -0.95 -7.22
N LEU A 62 -9.13 0.08 -6.63
CA LEU A 62 -8.71 0.65 -5.37
C LEU A 62 -9.93 1.02 -4.53
N LEU A 63 -9.64 1.33 -3.25
CA LEU A 63 -10.59 1.92 -2.31
C LEU A 63 -10.06 3.22 -1.83
N ALA A 64 -10.91 4.23 -1.81
CA ALA A 64 -10.51 5.57 -1.26
C ALA A 64 -11.74 6.38 -1.01
N ASP A 65 -11.61 7.31 -0.06
CA ASP A 65 -12.72 8.20 0.25
C ASP A 65 -12.74 9.32 -0.78
N THR A 66 -13.70 9.24 -1.71
CA THR A 66 -13.83 10.22 -2.76
C THR A 66 -14.84 11.33 -2.47
N THR A 67 -15.56 11.24 -1.34
CA THR A 67 -16.62 12.20 -1.00
C THR A 67 -16.38 13.06 0.19
N GLY A 68 -15.48 12.68 1.08
CA GLY A 68 -15.19 13.45 2.27
C GLY A 68 -15.96 13.03 3.51
N ASP A 69 -16.74 11.96 3.44
CA ASP A 69 -17.51 11.54 4.62
C ASP A 69 -16.79 10.50 5.40
N ASN A 70 -15.49 10.31 5.13
CA ASN A 70 -14.68 9.28 5.76
C ASN A 70 -15.11 7.86 5.45
N GLN A 71 -15.96 7.65 4.46
CA GLN A 71 -16.24 6.27 4.02
C GLN A 71 -15.54 6.02 2.71
N SER A 72 -14.92 4.86 2.57
CA SER A 72 -14.24 4.52 1.34
C SER A 72 -15.18 4.11 0.26
N ASP A 73 -14.87 4.58 -0.95
CA ASP A 73 -15.60 4.25 -2.17
C ASP A 73 -14.75 3.36 -3.05
N VAL A 74 -15.40 2.69 -3.99
CA VAL A 74 -14.73 1.80 -4.92
C VAL A 74 -14.33 2.58 -6.17
N VAL A 75 -13.04 2.51 -6.54
CA VAL A 75 -12.56 3.26 -7.69
C VAL A 75 -11.90 2.30 -8.63
N GLY A 76 -12.31 2.35 -9.90
CA GLY A 76 -11.67 1.51 -10.93
C GLY A 76 -11.14 2.32 -12.09
N PHE A 77 -9.87 2.12 -12.42
CA PHE A 77 -9.29 2.68 -13.66
C PHE A 77 -9.49 1.63 -14.75
N GLY A 78 -10.53 1.83 -15.55
CA GLY A 78 -11.00 0.80 -16.47
C GLY A 78 -10.49 0.99 -17.89
N GLU A 79 -11.32 0.56 -18.84
CA GLU A 79 -10.90 0.56 -20.27
C GLU A 79 -10.91 1.98 -20.89
N ASP A 80 -11.95 2.73 -20.58
CA ASP A 80 -12.23 4.02 -21.19
C ASP A 80 -12.31 5.20 -20.25
N GLY A 81 -12.05 4.98 -18.94
CA GLY A 81 -12.21 6.02 -17.95
C GLY A 81 -12.20 5.50 -16.51
N VAL A 82 -12.37 6.42 -15.57
CA VAL A 82 -12.34 6.11 -14.15
C VAL A 82 -13.77 5.92 -13.73
N TRP A 83 -14.03 4.81 -13.04
CA TRP A 83 -15.37 4.41 -12.62
C TRP A 83 -15.44 4.36 -11.10
N ILE A 84 -16.50 4.94 -10.53
CA ILE A 84 -16.69 5.02 -9.06
C ILE A 84 -18.05 4.51 -8.64
N SER A 85 -18.05 3.63 -7.63
CA SER A 85 -19.25 3.29 -6.85
C SER A 85 -19.09 3.84 -5.45
N THR A 86 -19.99 4.72 -5.06
CA THR A 86 -19.89 5.32 -3.75
C THR A 86 -20.56 4.47 -2.64
N ASN A 87 -19.94 4.50 -1.48
CA ASN A 87 -20.40 3.86 -0.25
C ASN A 87 -21.66 4.59 0.23
N ASN A 88 -22.75 3.86 0.32
CA ASN A 88 -24.00 4.40 0.86
C ASN A 88 -24.05 4.48 2.38
N GLY A 89 -23.05 3.95 3.08
CA GLY A 89 -22.99 4.14 4.53
C GLY A 89 -23.43 2.98 5.37
N ASP A 90 -23.97 1.94 4.72
CA ASP A 90 -24.66 0.85 5.39
C ASP A 90 -24.31 -0.51 4.79
N ASN A 91 -23.04 -0.71 4.48
CA ASN A 91 -22.55 -1.92 3.82
C ASN A 91 -23.20 -2.18 2.46
N THR A 92 -23.64 -1.13 1.76
CA THR A 92 -24.03 -1.21 0.38
C THR A 92 -23.34 -0.08 -0.39
N PHE A 93 -23.22 -0.25 -1.70
CA PHE A 93 -22.56 0.73 -2.58
C PHE A 93 -23.42 0.96 -3.80
N THR A 94 -23.22 2.08 -4.49
CA THR A 94 -23.99 2.39 -5.69
C THR A 94 -23.57 1.41 -6.78
N ASP A 95 -24.57 1.02 -7.57
CA ASP A 95 -24.42 -0.04 -8.57
C ASP A 95 -25.51 0.19 -9.60
N PRO A 96 -25.17 0.48 -10.86
CA PRO A 96 -23.82 0.43 -11.41
C PRO A 96 -22.94 1.62 -11.03
N PRO A 97 -21.60 1.47 -11.16
CA PRO A 97 -20.81 2.63 -10.88
C PRO A 97 -21.00 3.70 -11.94
N SER A 98 -20.46 4.84 -11.65
CA SER A 98 -20.48 5.99 -12.53
C SER A 98 -19.09 6.33 -13.08
N HIS A 99 -19.07 6.70 -14.35
CA HIS A 99 -17.81 7.05 -15.01
C HIS A 99 -17.57 8.54 -14.82
N VAL A 100 -16.56 8.91 -14.06
CA VAL A 100 -16.38 10.29 -13.66
C VAL A 100 -15.33 11.05 -14.48
N LEU A 101 -14.44 10.33 -15.15
CA LEU A 101 -13.40 10.95 -15.99
C LEU A 101 -12.92 10.03 -17.10
N ALA A 102 -12.90 10.54 -18.33
CA ALA A 102 -12.39 9.78 -19.46
C ALA A 102 -10.89 10.00 -19.59
N ASN A 103 -10.13 9.47 -18.64
CA ASN A 103 -8.68 9.62 -18.67
C ASN A 103 -8.13 8.57 -17.66
N PHE A 104 -6.79 8.48 -17.49
CA PHE A 104 -6.17 7.48 -16.60
C PHE A 104 -6.58 6.02 -16.93
N SER A 105 -6.86 5.74 -18.19
CA SER A 105 -7.39 4.43 -18.59
C SER A 105 -6.68 3.90 -19.82
N TYR A 106 -6.95 2.64 -20.15
CA TYR A 106 -6.21 1.94 -21.20
C TYR A 106 -6.36 2.63 -22.57
N LEU A 107 -7.61 2.90 -22.95
CA LEU A 107 -7.96 3.54 -24.21
C LEU A 107 -8.15 5.07 -24.16
N ALA A 108 -8.45 5.66 -23.00
CA ALA A 108 -8.53 7.12 -22.86
C ALA A 108 -7.37 7.54 -21.95
N GLY A 109 -6.26 7.88 -22.60
CA GLY A 109 -5.06 8.41 -21.96
C GLY A 109 -3.84 7.53 -22.22
N GLY A 110 -4.06 6.33 -22.74
CA GLY A 110 -3.00 5.35 -23.03
C GLY A 110 -2.24 4.84 -21.80
N TRP A 111 -2.93 4.61 -20.70
CA TRP A 111 -2.26 4.22 -19.46
C TRP A 111 -1.99 2.72 -19.48
N ARG A 112 -0.84 2.28 -18.96
CA ARG A 112 -0.44 0.90 -18.97
C ARG A 112 0.12 0.47 -17.63
N VAL A 113 -0.38 -0.68 -17.18
CA VAL A 113 0.03 -1.29 -15.90
C VAL A 113 1.53 -1.55 -15.89
N GLU A 114 2.12 -1.82 -17.06
CA GLU A 114 3.54 -2.10 -17.17
C GLU A 114 4.44 -0.86 -17.11
N LYS A 115 3.86 0.32 -17.30
CA LYS A 115 4.65 1.55 -17.40
C LYS A 115 4.27 2.67 -16.43
N HIS A 116 3.07 2.61 -15.88
CA HIS A 116 2.52 3.73 -15.17
C HIS A 116 1.90 3.27 -13.87
N ILE A 117 1.71 4.24 -12.98
CA ILE A 117 1.23 4.00 -11.63
C ILE A 117 0.05 4.89 -11.40
N ARG A 118 -1.00 4.34 -10.81
CA ARG A 118 -2.20 5.07 -10.52
C ARG A 118 -2.64 4.91 -9.09
N PHE A 119 -2.75 6.01 -8.38
CA PHE A 119 -3.19 6.03 -7.00
C PHE A 119 -4.40 6.96 -6.80
N MET A 120 -5.04 6.79 -5.65
CA MET A 120 -6.03 7.73 -5.16
C MET A 120 -5.47 8.31 -3.85
N ALA A 121 -5.45 9.63 -3.73
CA ALA A 121 -4.94 10.26 -2.53
C ALA A 121 -5.49 11.66 -2.30
N ASP A 122 -5.81 12.00 -1.04
CA ASP A 122 -6.12 13.37 -0.64
C ASP A 122 -4.86 14.22 -0.69
N MET A 123 -4.66 14.90 -1.82
CA MET A 123 -3.42 15.61 -2.08
C MET A 123 -3.43 17.08 -1.64
N ARG A 124 -4.60 17.61 -1.30
CA ARG A 124 -4.75 19.03 -0.95
C ARG A 124 -5.41 19.24 0.44
N LYS A 125 -5.54 18.18 1.23
CA LYS A 125 -6.21 18.23 2.53
C LYS A 125 -7.62 18.75 2.40
N THR A 126 -8.36 18.24 1.41
CA THR A 126 -9.75 18.58 1.28
C THR A 126 -10.63 17.58 2.03
N GLY A 127 -10.07 16.44 2.42
CA GLY A 127 -10.83 15.32 2.89
C GLY A 127 -11.27 14.37 1.76
N ARG A 128 -11.00 14.71 0.50
CA ARG A 128 -11.34 13.92 -0.66
C ARG A 128 -10.10 13.47 -1.40
N ALA A 129 -10.22 12.27 -1.99
CA ALA A 129 -9.12 11.66 -2.69
C ALA A 129 -9.08 12.15 -4.14
N ASP A 130 -7.95 12.71 -4.54
CA ASP A 130 -7.69 13.10 -5.91
C ASP A 130 -7.10 11.87 -6.62
N ILE A 131 -7.17 11.90 -7.94
CA ILE A 131 -6.51 10.91 -8.76
C ILE A 131 -5.07 11.38 -8.99
N VAL A 132 -4.13 10.50 -8.76
CA VAL A 132 -2.71 10.80 -8.95
C VAL A 132 -2.09 9.72 -9.83
N GLY A 133 -1.54 10.10 -10.98
CA GLY A 133 -0.93 9.14 -11.91
C GLY A 133 0.49 9.49 -12.23
N PHE A 134 1.38 8.52 -12.16
CA PHE A 134 2.71 8.70 -12.66
C PHE A 134 2.64 8.15 -14.08
N GLY A 135 2.62 9.04 -15.07
CA GLY A 135 2.35 8.61 -16.44
C GLY A 135 3.56 8.67 -17.36
N GLU A 136 3.36 9.29 -18.50
CA GLU A 136 4.41 9.43 -19.49
CA GLU A 136 4.41 9.43 -19.50
C GLU A 136 5.29 10.67 -19.28
N ALA A 137 4.68 11.85 -19.21
CA ALA A 137 5.41 13.13 -19.10
C ALA A 137 5.63 13.64 -17.67
N GLY A 138 4.92 13.06 -16.71
CA GLY A 138 5.16 13.43 -15.34
C GLY A 138 4.05 12.92 -14.49
N ILE A 139 3.88 13.53 -13.35
CA ILE A 139 2.82 13.22 -12.44
C ILE A 139 1.61 14.07 -12.85
N LEU A 140 0.50 13.38 -13.16
CA LEU A 140 -0.78 14.02 -13.48
C LEU A 140 -1.77 13.83 -12.35
N ILE A 141 -2.40 14.93 -11.98
CA ILE A 141 -3.47 14.96 -10.98
C ILE A 141 -4.80 15.46 -11.56
N SER A 142 -5.86 14.73 -11.24
CA SER A 142 -7.22 15.18 -11.44
C SER A 142 -7.77 15.53 -10.08
N ARG A 143 -8.11 16.81 -9.88
CA ARG A 143 -8.62 17.27 -8.60
C ARG A 143 -10.05 16.88 -8.39
N ASN A 144 -10.30 16.29 -7.22
CA ASN A 144 -11.63 15.92 -6.81
C ASN A 144 -12.30 17.17 -6.23
N ASN A 145 -13.27 17.70 -6.98
CA ASN A 145 -13.97 18.89 -6.55
C ASN A 145 -15.24 18.56 -5.83
N GLY A 146 -15.50 17.30 -5.52
CA GLY A 146 -16.69 16.96 -4.75
C GLY A 146 -17.85 16.68 -5.64
N SER A 147 -18.79 15.93 -5.11
CA SER A 147 -20.02 15.54 -5.85
C SER A 147 -19.72 14.83 -7.18
N SER A 148 -18.69 13.98 -7.16
CA SER A 148 -18.23 13.24 -8.34
C SER A 148 -17.70 14.15 -9.47
N GLN A 149 -17.36 15.40 -9.18
CA GLN A 149 -16.80 16.29 -10.21
C GLN A 149 -15.28 16.27 -10.10
N PHE A 150 -14.65 15.69 -11.09
CA PHE A 150 -13.20 15.56 -11.19
C PHE A 150 -12.66 16.46 -12.27
N ALA A 151 -11.74 17.33 -11.93
CA ALA A 151 -11.24 18.30 -12.89
C ALA A 151 -10.37 17.56 -13.89
N PRO A 152 -10.32 18.07 -15.14
CA PRO A 152 -9.39 17.47 -16.08
C PRO A 152 -7.95 17.57 -15.57
N THR A 153 -7.10 16.67 -16.05
CA THR A 153 -5.76 16.52 -15.52
C THR A 153 -4.88 17.73 -15.66
N GLN A 154 -4.08 17.96 -14.64
CA GLN A 154 -3.04 18.94 -14.65
C GLN A 154 -1.72 18.26 -14.34
N LEU A 155 -0.66 18.66 -15.02
CA LEU A 155 0.67 18.12 -14.80
C LEU A 155 1.22 18.69 -13.50
N ALA A 156 1.10 17.94 -12.43
CA ALA A 156 1.60 18.34 -11.11
C ALA A 156 3.08 18.53 -11.08
N LEU A 157 3.80 17.73 -11.84
CA LEU A 157 5.25 17.83 -11.89
C LEU A 157 5.73 17.10 -13.08
N ASN A 158 6.71 17.70 -13.75
CA ASN A 158 7.32 17.06 -14.91
C ASN A 158 8.51 16.18 -14.53
N ASP A 159 8.22 15.18 -13.70
CA ASP A 159 9.24 14.26 -13.23
C ASP A 159 8.59 13.00 -12.70
N PHE A 160 9.43 12.04 -12.33
CA PHE A 160 9.03 10.73 -11.79
C PHE A 160 8.16 9.92 -12.76
N ALA A 161 8.39 10.11 -14.06
CA ALA A 161 7.55 9.47 -15.07
C ALA A 161 8.42 8.80 -16.14
N TYR A 162 7.76 8.17 -17.09
CA TYR A 162 8.44 7.35 -18.07
C TYR A 162 9.41 8.16 -18.88
N ALA A 163 9.05 9.40 -19.20
CA ALA A 163 9.94 10.27 -20.01
C ALA A 163 11.22 10.68 -19.29
N GLN A 164 11.20 10.65 -17.98
CA GLN A 164 12.42 10.91 -17.21
C GLN A 164 13.15 9.63 -16.78
N GLY A 165 12.88 8.52 -17.44
CA GLY A 165 13.61 7.28 -17.21
C GLY A 165 13.07 6.34 -16.17
N TRP A 166 11.98 6.72 -15.49
CA TRP A 166 11.39 5.84 -14.46
C TRP A 166 10.73 4.57 -15.02
N ARG A 167 11.06 3.44 -14.42
CA ARG A 167 10.68 2.12 -14.85
C ARG A 167 10.25 1.29 -13.64
N LEU A 168 9.12 0.60 -13.77
CA LEU A 168 8.67 -0.34 -12.76
C LEU A 168 9.64 -1.49 -12.48
N ASP A 169 10.49 -1.88 -13.41
CA ASP A 169 11.47 -2.96 -13.19
C ASP A 169 12.66 -2.50 -12.38
N ARG A 170 12.86 -1.21 -12.26
CA ARG A 170 14.11 -0.68 -11.64
C ARG A 170 13.93 0.25 -10.47
N HIS A 171 12.77 0.89 -10.34
CA HIS A 171 12.61 2.07 -9.45
C HIS A 171 11.35 1.94 -8.66
N LEU A 172 11.24 2.71 -7.58
CA LEU A 172 10.08 2.71 -6.69
C LEU A 172 9.57 4.15 -6.49
N ARG A 173 8.25 4.31 -6.47
CA ARG A 173 7.60 5.58 -6.27
C ARG A 173 6.55 5.47 -5.20
N PHE A 174 6.54 6.48 -4.30
CA PHE A 174 5.69 6.54 -3.11
C PHE A 174 5.10 7.92 -2.96
N LEU A 175 3.99 8.01 -2.22
CA LEU A 175 3.48 9.24 -1.65
C LEU A 175 3.59 9.13 -0.11
N GLY A 176 4.11 10.19 0.51
CA GLY A 176 4.28 10.19 1.95
C GLY A 176 4.73 11.55 2.44
N ASP A 177 4.31 11.91 3.66
CA ASP A 177 4.63 13.22 4.19
C ASP A 177 6.03 13.17 4.72
N ILE A 178 6.96 13.82 4.04
CA ILE A 178 8.37 13.92 4.50
C ILE A 178 8.74 15.24 5.18
N THR A 179 7.79 16.14 5.34
CA THR A 179 8.11 17.48 5.92
C THR A 179 7.36 17.75 7.22
N GLY A 180 6.33 16.99 7.54
CA GLY A 180 5.55 17.22 8.70
C GLY A 180 4.37 18.16 8.57
N ASN A 181 4.11 18.68 7.38
CA ASN A 181 2.97 19.57 7.20
C ASN A 181 1.67 18.88 6.97
N GLY A 182 1.64 17.54 7.03
CA GLY A 182 0.42 16.78 6.69
C GLY A 182 0.09 16.60 5.21
N LEU A 183 0.89 17.15 4.31
CA LEU A 183 0.67 16.97 2.88
C LEU A 183 1.54 15.84 2.39
N LEU A 184 0.97 15.00 1.54
CA LEU A 184 1.74 13.94 0.89
C LEU A 184 2.67 14.47 -0.15
N ASP A 185 3.97 14.22 0.05
CA ASP A 185 5.01 14.52 -0.90
C ASP A 185 5.40 13.29 -1.71
N VAL A 186 6.26 13.43 -2.71
CA VAL A 186 6.62 12.30 -3.59
C VAL A 186 7.97 11.83 -3.13
N VAL A 187 8.11 10.52 -2.96
CA VAL A 187 9.42 9.90 -2.75
C VAL A 187 9.68 8.84 -3.84
N GLY A 188 10.79 8.99 -4.55
CA GLY A 188 11.16 8.14 -5.66
C GLY A 188 12.58 7.59 -5.51
N PHE A 189 12.68 6.27 -5.59
CA PHE A 189 13.98 5.58 -5.54
C PHE A 189 14.34 5.40 -7.01
N GLY A 190 15.15 6.31 -7.50
CA GLY A 190 15.48 6.39 -8.92
C GLY A 190 16.69 5.56 -9.27
N GLU A 191 17.36 5.99 -10.34
CA GLU A 191 18.47 5.21 -10.90
C GLU A 191 19.68 5.31 -9.99
N ASN A 192 20.04 6.52 -9.64
CA ASN A 192 21.26 6.79 -8.82
C ASN A 192 21.05 7.60 -7.53
N HIS A 193 19.81 7.95 -7.21
CA HIS A 193 19.44 8.73 -6.06
C HIS A 193 17.98 8.51 -5.69
N VAL A 194 17.70 8.65 -4.40
CA VAL A 194 16.35 8.83 -3.91
C VAL A 194 16.06 10.31 -4.10
N PHE A 195 14.99 10.62 -4.84
CA PHE A 195 14.53 11.98 -5.02
C PHE A 195 13.24 12.21 -4.26
N VAL A 196 13.07 13.44 -3.80
CA VAL A 196 11.80 13.87 -3.25
C VAL A 196 11.27 15.08 -3.97
N ALA A 197 9.99 15.30 -3.86
CA ALA A 197 9.36 16.51 -4.35
C ALA A 197 8.28 16.95 -3.38
N LYS A 198 8.39 18.19 -2.94
CA LYS A 198 7.50 18.72 -1.92
C LYS A 198 6.17 19.20 -2.50
N ASN A 199 5.08 18.75 -1.90
CA ASN A 199 3.73 19.14 -2.28
C ASN A 199 3.42 20.61 -1.93
N ASN A 200 2.95 21.39 -2.91
CA ASN A 200 2.59 22.79 -2.73
C ASN A 200 1.23 23.00 -2.15
N GLY A 201 0.40 21.97 -2.08
CA GLY A 201 -0.92 22.10 -1.47
C GLY A 201 -2.03 22.36 -2.46
N ASN A 202 -1.69 22.67 -3.72
CA ASN A 202 -2.65 23.04 -4.77
C ASN A 202 -2.68 22.12 -5.98
N GLY A 203 -2.25 20.87 -5.82
CA GLY A 203 -2.15 19.96 -6.94
C GLY A 203 -0.84 20.01 -7.72
N THR A 204 0.22 20.66 -7.22
CA THR A 204 1.50 20.63 -7.92
C THR A 204 2.58 20.47 -6.90
N PHE A 205 3.77 20.19 -7.38
CA PHE A 205 4.93 19.96 -6.50
C PHE A 205 6.03 20.88 -6.88
N GLN A 206 6.92 21.08 -5.94
CA GLN A 206 8.22 21.69 -6.23
C GLN A 206 9.10 20.78 -7.03
N PRO A 207 10.13 21.36 -7.66
CA PRO A 207 11.01 20.49 -8.38
C PRO A 207 11.66 19.43 -7.49
N ALA A 208 11.97 18.30 -8.08
CA ALA A 208 12.49 17.18 -7.35
C ALA A 208 13.86 17.52 -6.84
N GLN A 209 14.21 16.93 -5.69
CA GLN A 209 15.54 17.11 -5.09
C GLN A 209 16.14 15.74 -4.74
N ALA A 210 17.36 15.47 -5.18
CA ALA A 210 18.10 14.27 -4.80
C ALA A 210 18.50 14.38 -3.34
N VAL A 211 18.15 13.41 -2.52
CA VAL A 211 18.45 13.48 -1.09
C VAL A 211 19.30 12.31 -0.54
N VAL A 212 19.36 11.14 -1.20
CA VAL A 212 20.18 10.03 -0.76
C VAL A 212 20.79 9.37 -1.99
N ASN A 213 22.12 9.16 -1.97
CA ASN A 213 22.88 8.52 -3.03
C ASN A 213 23.05 7.05 -2.64
N ASN A 214 21.92 6.33 -2.56
CA ASN A 214 21.87 4.93 -2.06
C ASN A 214 20.43 4.42 -2.17
N PHE A 215 20.23 3.16 -1.78
CA PHE A 215 18.93 2.51 -1.93
C PHE A 215 18.44 2.35 -3.36
N CYS A 216 19.33 2.49 -4.35
CA CYS A 216 18.92 2.48 -5.77
C CYS A 216 19.67 1.45 -6.59
N VAL A 217 19.09 1.08 -7.71
CA VAL A 217 19.69 0.09 -8.59
C VAL A 217 21.10 0.49 -9.03
N GLY A 218 21.33 1.78 -9.27
CA GLY A 218 22.65 2.30 -9.60
C GLY A 218 23.41 2.96 -8.46
N ALA A 219 22.93 2.81 -7.23
CA ALA A 219 23.66 3.32 -6.06
C ALA A 219 23.44 2.38 -4.90
N GLY A 220 24.35 1.43 -4.77
CA GLY A 220 24.30 0.41 -3.74
C GLY A 220 23.78 -0.91 -4.19
N GLY A 221 23.32 -0.98 -5.44
CA GLY A 221 22.97 -2.28 -6.03
C GLY A 221 21.63 -2.81 -5.61
N TRP A 222 20.68 -1.92 -5.33
CA TRP A 222 19.39 -2.29 -4.82
C TRP A 222 18.52 -2.68 -6.01
N THR A 223 18.01 -3.90 -6.03
CA THR A 223 17.17 -4.40 -7.10
C THR A 223 15.78 -4.58 -6.61
N ILE A 224 14.84 -4.40 -7.52
CA ILE A 224 13.47 -4.75 -7.25
C ILE A 224 13.34 -6.25 -6.96
N ALA A 225 14.10 -7.06 -7.67
CA ALA A 225 14.04 -8.52 -7.52
C ALA A 225 14.47 -9.02 -6.14
N SER A 226 15.40 -8.32 -5.50
CA SER A 226 15.96 -8.82 -4.26
C SER A 226 15.84 -7.91 -3.02
N HIS A 227 15.58 -6.62 -3.19
CA HIS A 227 15.78 -5.65 -2.08
C HIS A 227 14.64 -4.69 -1.91
N PRO A 228 13.55 -5.13 -1.31
CA PRO A 228 12.44 -4.24 -1.15
C PRO A 228 12.74 -3.07 -0.20
N ARG A 229 12.13 -1.93 -0.51
CA ARG A 229 12.28 -0.69 0.24
C ARG A 229 10.89 -0.14 0.56
N VAL A 230 10.80 0.61 1.65
CA VAL A 230 9.58 1.26 2.10
C VAL A 230 9.93 2.64 2.67
N ILE A 231 8.91 3.46 2.80
CA ILE A 231 8.99 4.64 3.61
C ILE A 231 7.98 4.51 4.73
N ALA A 232 8.37 4.93 5.93
CA ALA A 232 7.52 4.84 7.10
C ALA A 232 8.17 5.66 8.20
N ASP A 233 7.36 6.12 9.12
CA ASP A 233 7.87 6.84 10.30
C ASP A 233 8.49 5.81 11.26
N LEU A 234 9.80 5.89 11.37
CA LEU A 234 10.54 5.02 12.29
C LEU A 234 10.85 5.66 13.65
N THR A 235 10.60 6.97 13.77
CA THR A 235 11.03 7.79 14.89
C THR A 235 9.91 8.43 15.67
N GLY A 236 8.71 8.53 15.12
CA GLY A 236 7.59 9.16 15.83
C GLY A 236 7.42 10.66 15.63
N ASP A 237 8.24 11.30 14.81
CA ASP A 237 8.07 12.74 14.46
C ASP A 237 7.03 12.97 13.35
N SER A 238 6.32 11.92 12.92
CA SER A 238 5.37 12.00 11.83
C SER A 238 5.93 12.31 10.43
N ARG A 239 7.25 12.27 10.26
CA ARG A 239 7.84 12.39 8.93
C ARG A 239 8.24 11.00 8.47
N ALA A 240 8.05 10.69 7.19
CA ALA A 240 8.48 9.39 6.65
C ALA A 240 10.00 9.27 6.63
N ASP A 241 10.53 8.17 7.16
CA ASP A 241 11.95 7.76 6.95
C ASP A 241 12.07 6.66 5.88
N ILE A 242 13.29 6.38 5.43
CA ILE A 242 13.59 5.31 4.50
C ILE A 242 14.09 4.02 5.22
N LEU A 243 13.48 2.89 4.87
CA LEU A 243 13.99 1.61 5.30
C LEU A 243 14.14 0.67 4.10
N GLY A 244 15.29 -0.01 4.06
CA GLY A 244 15.58 -0.98 3.01
C GLY A 244 15.94 -2.36 3.58
N PHE A 245 15.40 -3.38 2.95
CA PHE A 245 15.81 -4.76 3.21
C PHE A 245 16.92 -5.12 2.19
N GLY A 246 18.18 -4.91 2.56
CA GLY A 246 19.31 -5.11 1.66
C GLY A 246 19.88 -6.51 1.65
N GLY A 247 21.16 -6.62 1.30
CA GLY A 247 21.84 -7.93 1.25
C GLY A 247 22.12 -8.41 2.65
N ALA A 248 22.88 -7.62 3.39
CA ALA A 248 23.26 -7.99 4.76
C ALA A 248 22.12 -7.92 5.75
N GLY A 249 21.15 -7.04 5.49
CA GLY A 249 20.01 -6.89 6.39
C GLY A 249 19.37 -5.52 6.17
N VAL A 250 18.89 -4.94 7.26
CA VAL A 250 18.07 -3.75 7.21
C VAL A 250 18.89 -2.48 7.30
N TYR A 251 18.76 -1.66 6.26
CA TYR A 251 19.36 -0.32 6.21
C TYR A 251 18.31 0.79 6.36
N THR A 252 18.67 1.87 7.05
CA THR A 252 17.75 3.00 7.24
C THR A 252 18.43 4.31 6.94
N SER A 253 17.62 5.28 6.54
CA SER A 253 18.08 6.66 6.50
C SER A 253 16.96 7.45 7.11
N LEU A 254 17.31 8.23 8.13
CA LEU A 254 16.29 8.91 8.92
C LEU A 254 16.12 10.33 8.42
N ASN A 255 14.86 10.77 8.40
CA ASN A 255 14.49 12.11 7.91
C ASN A 255 14.99 13.11 8.94
N ASN A 256 15.68 14.15 8.50
CA ASN A 256 16.06 15.24 9.40
C ASN A 256 14.89 16.11 9.93
N GLY A 257 13.68 15.98 9.37
CA GLY A 257 12.49 16.74 9.79
C GLY A 257 11.88 17.60 8.69
N ASN A 258 12.68 17.90 7.71
CA ASN A 258 12.36 18.81 6.62
C ASN A 258 12.40 18.13 5.27
N GLY A 259 12.51 16.81 5.23
CA GLY A 259 12.66 16.11 3.97
C GLY A 259 14.06 15.99 3.46
N THR A 260 15.07 16.37 4.23
CA THR A 260 16.43 15.93 3.95
C THR A 260 16.65 14.70 4.81
N PHE A 261 17.73 13.99 4.55
CA PHE A 261 17.94 12.65 5.15
C PHE A 261 19.36 12.43 5.63
N GLY A 262 19.48 11.66 6.71
CA GLY A 262 20.77 11.41 7.34
C GLY A 262 21.51 10.30 6.69
N ALA A 263 22.55 9.85 7.38
CA ALA A 263 23.41 8.80 6.89
C ALA A 263 22.66 7.50 6.70
N VAL A 264 23.21 6.68 5.81
CA VAL A 264 22.69 5.32 5.63
C VAL A 264 23.36 4.34 6.63
N ASN A 265 22.58 3.67 7.45
CA ASN A 265 23.13 2.73 8.45
C ASN A 265 22.52 1.35 8.38
N LEU A 266 23.37 0.33 8.53
CA LEU A 266 22.94 -1.03 8.72
C LEU A 266 22.55 -1.18 10.17
N VAL A 267 21.29 -1.34 10.45
CA VAL A 267 20.82 -1.35 11.85
C VAL A 267 20.43 -2.73 12.35
N LEU A 268 20.32 -3.69 11.45
CA LEU A 268 19.94 -5.00 11.86
C LEU A 268 20.41 -5.99 10.79
N MET A 269 21.18 -7.00 11.21
CA MET A 269 21.63 -8.07 10.29
C MET A 269 20.67 -9.23 10.26
N ASP A 270 19.46 -8.90 9.80
CA ASP A 270 18.40 -9.87 9.60
C ASP A 270 17.50 -9.30 8.51
N PHE A 271 16.55 -10.11 8.07
CA PHE A 271 15.56 -9.78 7.06
C PHE A 271 16.10 -9.45 5.66
N GLY A 272 17.40 -9.73 5.46
CA GLY A 272 18.07 -9.49 4.22
C GLY A 272 18.37 -10.78 3.42
N VAL A 273 18.98 -10.59 2.25
CA VAL A 273 19.30 -11.72 1.36
C VAL A 273 20.20 -12.74 2.12
N ALA A 274 21.17 -12.19 2.84
CA ALA A 274 22.14 -12.93 3.67
C ALA A 274 21.52 -13.84 4.71
N SER A 275 20.33 -13.54 5.22
CA SER A 275 19.63 -14.43 6.16
C SER A 275 18.56 -15.31 5.52
N GLY A 276 18.54 -15.36 4.19
CA GLY A 276 17.66 -16.29 3.42
C GLY A 276 16.37 -15.71 2.86
N TRP A 277 16.22 -14.39 2.96
CA TRP A 277 14.95 -13.76 2.66
C TRP A 277 14.92 -13.60 1.12
N ARG A 278 13.74 -13.83 0.56
CA ARG A 278 13.52 -13.82 -0.85
C ARG A 278 12.17 -13.19 -1.20
N THR A 279 12.22 -12.26 -2.15
CA THR A 279 11.00 -11.65 -2.66
C THR A 279 9.98 -12.66 -3.16
N ALA A 280 10.48 -13.68 -3.85
CA ALA A 280 9.62 -14.76 -4.41
C ALA A 280 8.86 -15.59 -3.36
N LYS A 281 9.40 -15.77 -2.16
CA LYS A 281 8.73 -16.65 -1.16
C LYS A 281 8.31 -16.06 0.18
N HIS A 282 8.73 -14.81 0.45
CA HIS A 282 8.48 -14.14 1.72
C HIS A 282 7.87 -12.71 1.60
N VAL A 283 7.22 -12.25 2.67
CA VAL A 283 6.60 -10.92 2.76
C VAL A 283 7.29 -10.14 3.91
N ARG A 284 7.76 -8.93 3.59
CA ARG A 284 8.40 -8.04 4.56
C ARG A 284 7.69 -6.71 4.54
N CYS A 285 7.32 -6.25 5.73
CA CYS A 285 6.53 -5.06 6.01
C CYS A 285 7.12 -4.27 7.16
N VAL A 286 6.71 -3.01 7.21
CA VAL A 286 6.93 -2.13 8.35
C VAL A 286 5.55 -1.58 8.77
N ALA A 287 5.20 -1.78 10.01
CA ALA A 287 3.93 -1.35 10.56
C ALA A 287 4.04 -1.26 12.07
N PRO A 288 3.19 -0.43 12.69
CA PRO A 288 3.28 -0.27 14.13
C PRO A 288 2.64 -1.44 14.77
N LEU A 289 3.43 -2.09 15.62
CA LEU A 289 2.95 -3.23 16.40
C LEU A 289 2.83 -2.97 17.91
N THR A 290 3.16 -1.77 18.40
CA THR A 290 3.09 -1.45 19.82
C THR A 290 2.58 -0.01 20.12
N SER A 291 2.55 0.33 21.42
CA SER A 291 2.19 1.66 21.95
C SER A 291 3.07 2.78 21.46
N LYS A 292 4.29 2.50 21.00
CA LYS A 292 5.15 3.56 20.55
C LYS A 292 4.71 4.21 19.23
N LYS A 293 3.79 3.58 18.50
CA LYS A 293 3.33 4.14 17.23
C LYS A 293 4.46 4.53 16.21
N VAL A 294 5.46 3.67 16.09
CA VAL A 294 6.52 3.80 15.12
C VAL A 294 6.54 2.50 14.35
N GLY A 295 7.24 2.48 13.22
CA GLY A 295 7.37 1.29 12.41
C GLY A 295 8.24 0.20 13.03
N ASP A 296 7.63 -0.92 13.28
CA ASP A 296 8.29 -2.19 13.59
C ASP A 296 8.46 -3.05 12.31
N ILE A 297 9.34 -4.05 12.35
CA ILE A 297 9.61 -4.94 11.23
C ILE A 297 8.86 -6.26 11.38
N ILE A 298 8.15 -6.65 10.33
CA ILE A 298 7.46 -7.93 10.25
C ILE A 298 7.94 -8.68 8.99
N GLY A 299 8.11 -9.99 9.13
CA GLY A 299 8.62 -10.83 8.09
C GLY A 299 7.96 -12.16 8.20
N PHE A 300 7.22 -12.52 7.13
CA PHE A 300 6.61 -13.82 6.99
C PHE A 300 7.67 -14.68 6.26
N GLY A 301 8.41 -15.45 7.06
CA GLY A 301 9.51 -16.23 6.53
C GLY A 301 9.08 -17.67 6.31
N ASP A 302 10.07 -18.54 6.45
CA ASP A 302 9.80 -19.99 6.28
C ASP A 302 9.09 -20.58 7.45
N ALA A 303 9.66 -20.40 8.62
CA ALA A 303 9.08 -21.05 9.81
C ALA A 303 7.82 -20.37 10.40
N GLY A 304 7.59 -19.12 10.02
CA GLY A 304 6.45 -18.39 10.53
C GLY A 304 6.70 -16.89 10.43
N VAL A 305 6.08 -16.14 11.35
CA VAL A 305 6.14 -14.69 11.38
C VAL A 305 7.22 -14.22 12.36
N TYR A 306 8.11 -13.39 11.85
CA TYR A 306 9.21 -12.85 12.63
C TYR A 306 9.03 -11.32 12.75
N VAL A 307 9.29 -10.81 13.96
CA VAL A 307 9.14 -9.42 14.30
C VAL A 307 10.38 -8.89 14.98
N ALA A 308 10.81 -7.69 14.60
CA ALA A 308 11.76 -6.93 15.41
C ALA A 308 11.11 -5.61 15.77
N LEU A 309 11.07 -5.30 17.07
CA LEU A 309 10.37 -4.13 17.58
C LEU A 309 11.31 -2.95 17.66
N ASN A 310 10.87 -1.84 17.08
CA ASN A 310 11.56 -0.55 17.12
C ASN A 310 11.64 -0.07 18.58
N ASN A 311 12.83 0.34 18.98
CA ASN A 311 13.09 0.92 20.31
C ASN A 311 12.47 2.30 20.45
N GLY A 312 12.07 2.91 19.33
CA GLY A 312 11.44 4.22 19.32
C GLY A 312 12.27 5.23 18.58
N ASP A 313 13.52 4.89 18.26
CA ASP A 313 14.40 5.79 17.53
C ASP A 313 14.94 5.26 16.20
N GLY A 314 14.32 4.23 15.64
CA GLY A 314 14.83 3.69 14.36
C GLY A 314 15.86 2.57 14.53
N THR A 315 16.12 2.12 15.78
CA THR A 315 16.89 0.91 16.02
C THR A 315 15.91 -0.12 16.54
N PHE A 316 16.30 -1.40 16.44
CA PHE A 316 15.41 -2.50 16.64
C PHE A 316 15.96 -3.53 17.64
N GLY A 317 15.05 -4.11 18.38
CA GLY A 317 15.34 -5.17 19.31
C GLY A 317 15.56 -6.48 18.58
N PRO A 318 15.69 -7.56 19.35
CA PRO A 318 15.99 -8.85 18.76
C PRO A 318 14.87 -9.37 17.87
N VAL A 319 15.23 -10.17 16.89
CA VAL A 319 14.25 -10.83 16.03
C VAL A 319 13.67 -12.00 16.78
N LYS A 320 12.35 -12.08 16.87
CA LYS A 320 11.67 -13.16 17.52
C LYS A 320 10.61 -13.72 16.58
N ARG A 321 10.46 -15.04 16.57
CA ARG A 321 9.42 -15.66 15.81
C ARG A 321 8.21 -15.60 16.67
N VAL A 322 7.19 -14.89 16.26
CA VAL A 322 6.03 -14.65 17.14
C VAL A 322 4.83 -15.52 16.84
N ILE A 323 4.78 -16.10 15.65
CA ILE A 323 3.69 -17.02 15.28
C ILE A 323 4.37 -18.11 14.42
N ASN A 324 4.06 -19.36 14.70
CA ASN A 324 4.59 -20.49 13.89
C ASN A 324 3.60 -20.83 12.80
N ASN A 325 3.26 -19.80 12.00
CA ASN A 325 2.27 -19.92 10.97
C ASN A 325 2.35 -18.70 10.04
N PHE A 326 1.51 -18.71 9.00
CA PHE A 326 1.57 -17.80 7.88
C PHE A 326 2.90 -17.83 7.14
N GLY A 327 3.75 -18.84 7.35
CA GLY A 327 5.04 -18.91 6.71
C GLY A 327 4.98 -19.91 5.54
N TYR A 328 6.06 -19.90 4.79
CA TYR A 328 6.26 -20.79 3.66
C TYR A 328 6.10 -22.28 4.07
N ASN A 329 6.76 -22.67 5.18
CA ASN A 329 6.75 -24.08 5.62
C ASN A 329 5.36 -24.51 6.06
N GLN A 330 4.42 -23.59 6.27
CA GLN A 330 3.04 -23.98 6.49
C GLN A 330 2.17 -23.82 5.23
N GLY A 331 2.82 -23.75 4.06
CA GLY A 331 2.12 -23.73 2.79
C GLY A 331 1.67 -22.37 2.25
N TRP A 332 2.04 -21.30 2.95
CA TRP A 332 1.71 -19.97 2.48
C TRP A 332 2.60 -19.60 1.32
N ARG A 333 1.98 -19.13 0.24
CA ARG A 333 2.69 -18.78 -0.99
C ARG A 333 2.35 -17.35 -1.39
N VAL A 334 3.40 -16.60 -1.69
CA VAL A 334 3.32 -15.22 -2.19
C VAL A 334 2.41 -15.13 -3.41
N ASP A 335 2.47 -16.11 -4.32
CA ASP A 335 1.58 -16.09 -5.49
C ASP A 335 0.18 -16.66 -5.30
N LYS A 336 -0.22 -17.00 -4.08
CA LYS A 336 -1.59 -17.52 -3.84
C LYS A 336 -2.34 -16.98 -2.64
N HIS A 337 -1.62 -16.55 -1.61
CA HIS A 337 -2.23 -16.25 -0.33
C HIS A 337 -1.82 -14.85 0.21
N PRO A 338 -2.64 -13.83 -0.09
CA PRO A 338 -2.30 -12.49 0.38
C PRO A 338 -2.28 -12.38 1.92
N ARG A 339 -1.21 -11.79 2.43
CA ARG A 339 -1.03 -11.50 3.85
C ARG A 339 -0.78 -10.01 4.11
N PHE A 340 -1.43 -9.48 5.14
CA PHE A 340 -1.46 -8.03 5.47
C PHE A 340 -1.19 -7.84 6.98
N VAL A 341 -0.54 -6.74 7.34
CA VAL A 341 -0.29 -6.40 8.71
C VAL A 341 -1.06 -5.11 8.89
N VAL A 342 -2.20 -5.21 9.58
CA VAL A 342 -3.12 -4.10 9.68
C VAL A 342 -3.85 -4.14 11.00
N ASP A 343 -4.25 -2.98 11.48
CA ASP A 343 -5.07 -2.93 12.69
C ASP A 343 -6.51 -3.40 12.41
N LEU A 344 -6.87 -4.48 13.08
CA LEU A 344 -8.19 -5.06 13.04
C LEU A 344 -9.01 -4.88 14.33
N THR A 345 -8.36 -4.35 15.37
CA THR A 345 -9.04 -4.23 16.70
C THR A 345 -9.27 -2.82 17.17
N GLY A 346 -8.55 -1.86 16.60
CA GLY A 346 -8.70 -0.43 16.95
C GLY A 346 -7.76 0.07 18.02
N ASP A 347 -6.78 -0.73 18.40
CA ASP A 347 -5.89 -0.31 19.47
C ASP A 347 -4.58 0.29 19.01
N GLY A 348 -4.33 0.38 17.73
CA GLY A 348 -3.06 0.96 17.25
C GLY A 348 -1.95 -0.05 17.00
N ALA A 349 -2.13 -1.29 17.47
CA ALA A 349 -1.13 -2.33 17.32
C ALA A 349 -1.54 -3.25 16.21
N ALA A 350 -0.80 -3.25 15.11
CA ALA A 350 -1.22 -3.97 13.95
C ALA A 350 -1.35 -5.48 14.19
N ASP A 351 -2.47 -6.02 13.71
CA ASP A 351 -2.74 -7.46 13.67
C ASP A 351 -2.28 -8.12 12.33
N ILE A 352 -2.44 -9.46 12.23
CA ILE A 352 -2.11 -10.19 11.03
C ILE A 352 -3.36 -10.85 10.48
N VAL A 353 -3.57 -10.66 9.19
CA VAL A 353 -4.65 -11.40 8.49
C VAL A 353 -4.04 -11.99 7.21
N GLY A 354 -4.50 -13.17 6.83
CA GLY A 354 -4.00 -13.89 5.63
C GLY A 354 -5.18 -14.58 4.94
N PHE A 355 -5.23 -14.48 3.62
CA PHE A 355 -6.29 -15.21 2.86
C PHE A 355 -5.61 -16.53 2.45
N GLY A 356 -5.84 -17.60 3.26
CA GLY A 356 -5.20 -18.91 3.04
C GLY A 356 -5.83 -19.73 1.93
N GLU A 357 -5.45 -21.01 1.90
CA GLU A 357 -5.92 -21.98 0.95
C GLU A 357 -7.41 -22.18 1.14
N ASN A 358 -7.85 -22.40 2.36
CA ASN A 358 -9.27 -22.66 2.67
C ASN A 358 -9.96 -21.65 3.56
N SER A 359 -9.22 -20.87 4.34
CA SER A 359 -9.90 -19.90 5.20
C SER A 359 -9.18 -18.58 5.25
N THR A 360 -9.90 -17.54 5.62
CA THR A 360 -9.23 -16.32 6.04
C THR A 360 -8.81 -16.55 7.51
N TRP A 361 -7.53 -16.36 7.80
CA TRP A 361 -6.95 -16.51 9.14
C TRP A 361 -6.45 -15.17 9.71
N ALA A 362 -6.63 -14.96 11.01
CA ALA A 362 -5.99 -13.85 11.67
C ALA A 362 -5.39 -14.18 13.03
N CYS A 363 -4.46 -13.33 13.46
CA CYS A 363 -3.85 -13.35 14.77
C CYS A 363 -3.90 -11.98 15.37
N MET A 364 -4.35 -11.88 16.63
CA MET A 364 -4.50 -10.61 17.29
C MET A 364 -3.20 -10.22 18.00
N ASN A 365 -2.74 -8.99 17.79
CA ASN A 365 -1.60 -8.42 18.47
C ASN A 365 -2.09 -8.17 19.89
N LYS A 366 -1.33 -8.56 20.88
CA LYS A 366 -1.72 -8.31 22.28
C LYS A 366 -1.49 -6.88 22.71
N GLY A 367 -0.89 -6.09 21.85
CA GLY A 367 -0.67 -4.69 22.12
C GLY A 367 0.79 -4.41 22.29
N ASP A 368 1.63 -5.46 22.40
CA ASP A 368 3.06 -5.29 22.63
C ASP A 368 3.92 -6.02 21.60
N GLY A 369 3.32 -6.45 20.48
CA GLY A 369 4.12 -7.10 19.44
C GLY A 369 4.29 -8.60 19.67
N THR A 370 3.41 -9.16 20.51
CA THR A 370 3.25 -10.59 20.67
C THR A 370 1.81 -10.86 20.29
N PHE A 371 1.54 -12.13 19.94
CA PHE A 371 0.28 -12.52 19.39
C PHE A 371 -0.43 -13.69 20.05
N GLY A 372 -1.74 -13.71 19.81
CA GLY A 372 -2.60 -14.78 20.25
C GLY A 372 -2.59 -15.96 19.30
N PRO A 373 -3.52 -16.87 19.50
CA PRO A 373 -3.62 -18.03 18.61
C PRO A 373 -4.21 -17.64 17.25
N ASP A 374 -3.93 -18.50 16.25
CA ASP A 374 -4.32 -18.36 14.84
C ASP A 374 -5.84 -18.50 14.96
N MET A 375 -6.63 -17.58 14.45
CA MET A 375 -8.10 -17.65 14.52
C MET A 375 -8.58 -17.82 13.10
N LYS A 376 -9.55 -18.68 12.89
CA LYS A 376 -10.12 -18.92 11.58
C LYS A 376 -11.29 -18.00 11.55
N LEU A 377 -11.37 -17.14 10.54
CA LEU A 377 -12.42 -16.16 10.52
C LEU A 377 -13.54 -16.60 9.66
N ILE A 378 -13.22 -17.00 8.44
CA ILE A 378 -14.29 -17.35 7.48
C ILE A 378 -13.71 -18.15 6.35
N SER A 379 -14.53 -18.98 5.73
CA SER A 379 -14.03 -19.85 4.68
C SER A 379 -14.53 -19.27 3.33
N ASP A 380 -13.96 -18.12 2.98
CA ASP A 380 -14.30 -17.39 1.74
C ASP A 380 -13.15 -16.47 1.32
N ASP A 381 -13.23 -15.97 0.08
CA ASP A 381 -12.20 -15.11 -0.51
C ASP A 381 -10.86 -15.81 -0.58
N THR A 382 -10.87 -17.11 -0.85
CA THR A 382 -9.67 -17.97 -0.75
C THR A 382 -9.41 -18.66 -2.07
N SER A 383 -8.19 -19.13 -2.25
CA SER A 383 -7.80 -20.00 -3.38
C SER A 383 -8.85 -21.05 -3.70
N SER A 384 -9.23 -21.79 -2.67
CA SER A 384 -10.03 -22.95 -2.87
C SER A 384 -11.38 -22.55 -3.41
N LYS A 385 -11.84 -21.31 -3.18
CA LYS A 385 -13.08 -20.84 -3.83
C LYS A 385 -12.88 -20.01 -5.09
N GLY A 386 -11.73 -20.14 -5.77
CA GLY A 386 -11.49 -19.52 -7.08
C GLY A 386 -10.80 -18.15 -7.09
N TRP A 387 -10.47 -17.63 -5.91
CA TRP A 387 -9.80 -16.33 -5.80
C TRP A 387 -8.33 -16.50 -6.10
N THR A 388 -7.92 -16.16 -7.32
CA THR A 388 -6.52 -16.26 -7.72
C THR A 388 -5.98 -14.87 -7.90
N LEU A 389 -4.65 -14.74 -7.86
CA LEU A 389 -4.00 -13.43 -8.06
C LEU A 389 -4.13 -12.92 -9.48
N GLU A 390 -4.21 -13.86 -10.40
CA GLU A 390 -4.23 -13.51 -11.79
C GLU A 390 -5.61 -12.94 -12.13
N LYS A 391 -6.66 -13.30 -11.39
CA LYS A 391 -8.02 -12.91 -11.74
C LYS A 391 -8.80 -12.06 -10.71
N THR A 392 -8.24 -11.87 -9.51
CA THR A 392 -8.95 -11.21 -8.44
C THR A 392 -7.97 -10.31 -7.69
N VAL A 393 -8.57 -9.36 -6.97
CA VAL A 393 -7.82 -8.40 -6.14
C VAL A 393 -8.42 -8.38 -4.77
N ARG A 394 -7.57 -8.50 -3.78
CA ARG A 394 -8.00 -8.51 -2.41
C ARG A 394 -7.22 -7.48 -1.58
N TYR A 395 -7.95 -6.74 -0.72
CA TYR A 395 -7.30 -5.76 0.15
C TYR A 395 -7.82 -5.80 1.54
N ALA A 396 -6.99 -5.33 2.48
CA ALA A 396 -7.52 -4.82 3.75
C ALA A 396 -7.74 -3.31 3.52
N ALA A 397 -8.89 -2.79 3.94
CA ALA A 397 -9.24 -1.39 3.74
C ALA A 397 -10.19 -0.89 4.81
N ASN A 398 -10.00 0.36 5.24
CA ASN A 398 -10.94 0.99 6.16
C ASN A 398 -12.16 1.52 5.39
N LEU A 399 -13.18 0.70 5.22
CA LEU A 399 -14.43 1.18 4.59
C LEU A 399 -15.16 2.27 5.38
N TYR A 400 -15.06 2.23 6.71
CA TYR A 400 -15.73 3.19 7.60
C TYR A 400 -14.82 3.73 8.70
N ALA A 401 -14.25 2.83 9.48
CA ALA A 401 -13.33 3.12 10.62
C ALA A 401 -12.05 2.15 10.69
NA NA B . 4.59 16.98 3.44
NA NA C . -6.82 1.01 -17.41
NA NA D . 10.09 9.86 11.24
NA NA E . -4.75 -4.20 16.82
NA NA F . -16.80 8.64 0.79
NA NA G . -21.01 7.48 1.83
C1 MLI H . 15.68 -5.43 -12.43
C2 MLI H . 15.96 -4.13 -13.15
C3 MLI H . 15.53 -5.27 -10.90
O6 MLI H . 16.51 -3.20 -12.47
O7 MLI H . 15.58 -4.05 -14.36
O8 MLI H . 15.92 -4.19 -10.30
O9 MLI H . 14.99 -6.26 -10.34
C1 NAG I . 17.44 11.14 -13.84
C2 NAG I . 16.17 10.86 -13.01
C3 NAG I . 15.20 12.03 -13.13
C4 NAG I . 15.95 13.32 -12.74
C5 NAG I . 17.20 13.44 -13.63
C6 NAG I . 17.99 14.72 -13.41
C7 NAG I . 15.70 8.48 -12.76
C8 NAG I . 14.95 7.31 -13.31
N2 NAG I . 15.53 9.62 -13.42
O1 NAG I . 18.37 10.10 -13.69
O3 NAG I . 14.04 11.88 -12.35
O4 NAG I . 15.10 14.42 -12.85
O5 NAG I . 18.04 12.33 -13.38
O6 NAG I . 18.76 14.52 -12.26
O7 NAG I . 16.38 8.36 -11.73
C1 NDG J . 17.53 11.07 -13.69
C2 NDG J . 16.21 10.82 -12.95
C3 NDG J . 15.26 12.00 -13.16
C4 NDG J . 16.00 13.29 -12.78
C5 NDG J . 17.31 13.35 -13.57
C6 NDG J . 18.09 14.64 -13.39
C7 NDG J . 15.73 8.45 -12.69
C8 NDG J . 15.01 7.26 -13.24
O5 NDG J . 18.12 12.25 -13.20
O3 NDG J . 14.05 11.89 -12.44
O4 NDG J . 15.18 14.40 -13.03
O6 NDG J . 18.79 14.51 -12.18
O7 NDG J . 16.38 8.36 -11.63
N2 NDG J . 15.58 9.58 -13.39
O1 NDG J . 17.29 11.26 -15.07
C1 NAG K . -16.84 -1.40 -19.35
C2 NAG K . -16.39 -1.36 -17.88
C3 NAG K . -17.53 -1.75 -16.96
C4 NAG K . -18.79 -0.94 -17.28
C5 NAG K . -19.07 -0.95 -18.78
C6 NAG K . -20.24 -0.02 -19.13
C7 NAG K . -14.02 -1.75 -17.73
C8 NAG K . -12.96 -2.76 -17.49
N2 NAG K . -15.27 -2.20 -17.67
O1 NAG K . -15.85 -0.81 -20.12
O3 NAG K . -17.19 -1.51 -15.62
O4 NAG K . -19.88 -1.56 -16.63
O5 NAG K . -17.94 -0.54 -19.52
O6 NAG K . -20.56 -0.15 -20.50
O7 NAG K . -13.73 -0.58 -17.98
C1 NAG L . 15.84 -18.37 9.42
C2 NAG L . 15.13 -17.03 9.13
C3 NAG L . 15.89 -15.90 9.84
C4 NAG L . 16.01 -16.25 11.33
C5 NAG L . 16.63 -17.65 11.48
C6 NAG L . 16.77 -18.10 12.92
C7 NAG L . 13.96 -17.04 6.99
C8 NAG L . 14.05 -16.81 5.52
N2 NAG L . 15.05 -16.81 7.70
O1 NAG L . 15.26 -19.46 8.71
O3 NAG L . 15.14 -14.72 9.78
O4 NAG L . 16.82 -15.27 11.96
O5 NAG L . 15.77 -18.58 10.83
O6 NAG L . 15.44 -18.35 13.38
O7 NAG L . 12.91 -17.46 7.46
C1 NAG M . 25.79 -2.70 -0.14
C2 NAG M . 24.39 -2.11 0.16
C3 NAG M . 24.42 -0.59 0.19
C4 NAG M . 25.53 -0.20 1.17
C5 NAG M . 26.86 -0.92 0.80
C6 NAG M . 28.10 -0.58 1.66
C7 NAG M . 22.54 -3.50 -0.60
C8 NAG M . 21.65 -3.86 -1.76
N2 NAG M . 23.45 -2.57 -0.83
O1 NAG M . 25.69 -4.09 -0.11
O3 NAG M . 23.14 -0.05 0.49
O4 NAG M . 25.71 1.18 1.06
O5 NAG M . 26.67 -2.31 0.90
O6 NAG M . 27.67 -0.57 2.98
O7 NAG M . 22.37 -4.03 0.49
C1 NAG N . -3.51 -24.90 6.12
C2 NAG N . -3.05 -23.43 6.37
C3 NAG N . -2.24 -23.32 7.67
C4 NAG N . -3.02 -24.01 8.83
C5 NAG N . -3.47 -25.45 8.43
C6 NAG N . -4.25 -26.21 9.52
C7 NAG N . -2.79 -22.21 4.27
C8 NAG N . -1.86 -21.80 3.16
N2 NAG N . -2.26 -22.94 5.24
O1 NAG N . -4.33 -25.00 4.97
O3 NAG N . -1.94 -21.98 8.01
O4 NAG N . -2.18 -23.98 9.98
O5 NAG N . -4.24 -25.35 7.23
O6 NAG N . -5.56 -25.69 9.68
O7 NAG N . -3.98 -21.88 4.25
C1 NAG O . -0.90 12.08 -21.73
C2 NAG O . -1.51 11.32 -20.54
C3 NAG O . -3.02 11.56 -20.48
C4 NAG O . -3.34 13.07 -20.52
C5 NAG O . -2.58 13.72 -21.67
C6 NAG O . -2.73 15.23 -21.63
C7 NAG O . -0.27 9.30 -19.95
C8 NAG O . -0.12 7.81 -20.11
N2 NAG O . -1.26 9.90 -20.61
O1 NAG O . 0.51 11.98 -21.71
O3 NAG O . -3.55 10.94 -19.32
O4 NAG O . -4.71 13.34 -20.71
O5 NAG O . -1.20 13.45 -21.62
O6 NAG O . -1.75 15.80 -22.47
O7 NAG O . 0.52 9.91 -19.24
C1 NDG P . -0.78 12.17 -21.48
C2 NDG P . -1.50 11.33 -20.40
C3 NDG P . -3.00 11.53 -20.52
C4 NDG P . -3.34 13.04 -20.56
C5 NDG P . -2.46 13.77 -21.59
C6 NDG P . -2.65 15.26 -21.54
C7 NDG P . -0.17 9.35 -19.88
C8 NDG P . 0.01 7.87 -20.07
O5 NDG P . -1.09 13.53 -21.35
O3 NDG P . -3.62 10.86 -19.46
O4 NDG P . -4.69 13.29 -20.92
O6 NDG P . -1.68 15.88 -22.34
O7 NDG P . 0.63 9.97 -19.17
N2 NDG P . -1.18 9.92 -20.51
O1 NDG P . -1.20 11.74 -22.73
#